data_5EYY
#
_entry.id   5EYY
#
_cell.length_a   72.580
_cell.length_b   72.580
_cell.length_c   128.450
_cell.angle_alpha   90.000
_cell.angle_beta   90.000
_cell.angle_gamma   90.000
#
_symmetry.space_group_name_H-M   'P 41 21 2'
#
loop_
_entity.id
_entity.type
_entity.pdbx_description
1 polymer 'Centrolobium tomentosum lectin'
2 branched 'alpha-D-mannopyranose-(1-3)-methyl alpha-D-mannopyranoside'
3 non-polymer 2-acetamido-2-deoxy-beta-D-glucopyranose
4 non-polymer 'CALCIUM ION'
5 non-polymer 'MANGANESE (II) ION'
6 water water
#
_entity_poly.entity_id   1
_entity_poly.type   'polypeptide(L)'
_entity_poly.pdbx_seq_one_letter_code
;SDSLSFSFINFDQDERNVIAQGDARISGNNILQLTRTDSDGTPVRSTVGRILYSAQVRLWEKSTNRVANFQSQFSFFLES
PLSNPADGIAFFIAPPDTAIPSGSAGGLLGLFSPKTAQNESANQVLAVEFDTFYAQNSNTWDPNYPHIGIDVNSIKSAKT
VRWERREGVTLNVLVTYNPSTKTLDVVATYPDGQRYQISVVVDVTTVLPEWVRVGFSAASGEQFQTHNLESWSFTSTLLY
TAQKE
;
_entity_poly.pdbx_strand_id   A
#
loop_
_chem_comp.id
_chem_comp.type
_chem_comp.name
_chem_comp.formula
CA non-polymer 'CALCIUM ION' 'Ca 2'
MAN D-saccharide, alpha linking alpha-D-mannopyranose 'C6 H12 O6'
MMA D-saccharide 'methyl alpha-D-mannopyranoside' 'C7 H14 O6'
MN non-polymer 'MANGANESE (II) ION' 'Mn 2'
NAG D-saccharide, beta linking 2-acetamido-2-deoxy-beta-D-glucopyranose 'C8 H15 N O6'
#
# COMPACT_ATOMS: atom_id res chain seq x y z
N SER A 1 -7.59 -17.49 12.20
CA SER A 1 -6.71 -18.46 12.86
C SER A 1 -5.70 -17.73 13.75
N ASP A 2 -4.93 -18.47 14.52
CA ASP A 2 -3.96 -17.89 15.42
C ASP A 2 -2.69 -17.33 14.74
N SER A 3 -2.39 -17.82 13.56
CA SER A 3 -1.26 -17.26 12.81
C SER A 3 -1.44 -17.64 11.35
N LEU A 4 -0.77 -16.88 10.50
CA LEU A 4 -0.80 -17.08 9.07
C LEU A 4 0.47 -16.45 8.49
N SER A 5 1.04 -17.09 7.47
CA SER A 5 2.18 -16.50 6.77
C SER A 5 2.17 -16.97 5.32
N PHE A 6 2.86 -16.21 4.47
CA PHE A 6 3.06 -16.64 3.09
C PHE A 6 4.26 -15.90 2.54
N SER A 7 4.81 -16.43 1.44
CA SER A 7 5.91 -15.73 0.78
C SER A 7 5.80 -15.88 -0.72
N PHE A 8 6.05 -14.78 -1.41
CA PHE A 8 6.23 -14.74 -2.86
C PHE A 8 7.67 -14.30 -3.11
N ILE A 9 8.57 -15.24 -3.43
CA ILE A 9 9.88 -14.84 -3.92
C ILE A 9 9.73 -14.10 -5.24
N ASN A 10 8.90 -14.65 -6.12
CA ASN A 10 8.35 -13.99 -7.28
C ASN A 10 6.85 -14.28 -7.31
N PHE A 11 6.13 -13.54 -8.13
CA PHE A 11 4.73 -13.81 -8.45
C PHE A 11 4.65 -14.57 -9.77
N ASP A 12 3.65 -15.43 -9.89
CA ASP A 12 3.33 -16.01 -11.17
C ASP A 12 1.87 -15.73 -11.49
N GLN A 13 1.59 -15.61 -12.80
CA GLN A 13 0.23 -15.32 -13.27
C GLN A 13 -0.78 -16.38 -12.88
N ASP A 14 -0.34 -17.58 -12.48
CA ASP A 14 -1.26 -18.62 -12.06
C ASP A 14 -1.68 -18.51 -10.59
N GLU A 15 -1.17 -17.50 -9.86
CA GLU A 15 -1.28 -17.51 -8.41
C GLU A 15 -2.74 -17.59 -7.97
N ARG A 16 -3.06 -18.59 -7.16
CA ARG A 16 -4.44 -18.87 -6.77
C ARG A 16 -4.92 -18.04 -5.59
N ASN A 17 -4.01 -17.53 -4.75
CA ASN A 17 -4.41 -16.97 -3.46
C ASN A 17 -4.33 -15.45 -3.42
N VAL A 18 -4.43 -14.80 -4.56
CA VAL A 18 -4.52 -13.34 -4.58
C VAL A 18 -5.79 -12.94 -5.30
N ILE A 19 -6.35 -11.81 -4.87
CA ILE A 19 -7.57 -11.23 -5.41
C ILE A 19 -7.17 -9.96 -6.14
N ALA A 20 -7.46 -9.88 -7.43
CA ALA A 20 -7.16 -8.69 -8.22
C ALA A 20 -8.37 -7.78 -8.28
N GLN A 21 -8.14 -6.48 -8.05
CA GLN A 21 -9.19 -5.47 -8.15
C GLN A 21 -8.76 -4.38 -9.15
N GLY A 22 -9.74 -3.85 -9.88
CA GLY A 22 -9.42 -2.81 -10.85
C GLY A 22 -8.48 -3.33 -11.91
N ASP A 23 -7.41 -2.57 -12.17
CA ASP A 23 -6.52 -2.85 -13.28
C ASP A 23 -5.34 -3.75 -12.90
N ALA A 24 -5.33 -4.30 -11.68
CA ALA A 24 -4.17 -5.08 -11.23
C ALA A 24 -4.11 -6.44 -11.93
N ARG A 25 -2.88 -6.90 -12.18
CA ARG A 25 -2.65 -8.19 -12.81
C ARG A 25 -1.21 -8.61 -12.55
N ILE A 26 -0.95 -9.91 -12.62
CA ILE A 26 0.41 -10.43 -12.60
C ILE A 26 0.78 -10.75 -14.05
N SER A 27 1.79 -10.11 -14.54
CA SER A 27 2.16 -10.32 -15.91
C SER A 27 2.76 -11.67 -16.25
N GLY A 28 2.80 -11.96 -17.55
CA GLY A 28 3.50 -13.15 -18.00
C GLY A 28 4.99 -13.14 -17.69
N ASN A 29 5.69 -12.09 -17.36
CA ASN A 29 7.10 -11.99 -17.02
C ASN A 29 7.33 -11.96 -15.50
N ASN A 30 6.20 -12.27 -14.70
CA ASN A 30 6.32 -12.50 -13.25
C ASN A 30 6.43 -11.20 -12.46
N ILE A 31 5.86 -10.11 -12.96
CA ILE A 31 5.78 -8.85 -12.23
C ILE A 31 4.32 -8.58 -11.93
N LEU A 32 4.03 -8.20 -10.68
CA LEU A 32 2.67 -7.80 -10.31
C LEU A 32 2.50 -6.33 -10.66
N GLN A 33 1.68 -6.05 -11.66
CA GLN A 33 1.46 -4.69 -12.16
C GLN A 33 0.13 -4.17 -11.64
N LEU A 34 0.16 -3.10 -10.86
CA LEU A 34 -1.09 -2.65 -10.24
C LEU A 34 -1.90 -1.74 -11.16
N THR A 35 -1.27 -1.00 -12.06
CA THR A 35 -1.98 -0.01 -12.87
C THR A 35 -1.86 -0.35 -14.35
N ARG A 36 -2.82 0.18 -15.12
CA ARG A 36 -3.02 -0.17 -16.52
C ARG A 36 -1.90 0.37 -17.41
N THR A 37 -1.61 -0.37 -18.47
CA THR A 37 -0.66 0.05 -19.50
C THR A 37 -1.30 -0.15 -20.88
N ASP A 38 -0.83 0.60 -21.87
CA ASP A 38 -1.34 0.41 -23.23
C ASP A 38 -0.64 -0.80 -23.85
N SER A 39 -0.89 -1.08 -25.13
CA SER A 39 -0.35 -2.29 -25.73
C SER A 39 1.17 -2.25 -25.89
N ASP A 40 1.79 -1.10 -25.72
CA ASP A 40 3.24 -1.03 -25.76
C ASP A 40 3.85 -1.17 -24.36
N GLY A 41 3.05 -1.31 -23.32
CA GLY A 41 3.55 -1.33 -21.96
C GLY A 41 3.71 0.05 -21.34
N THR A 42 3.23 1.09 -22.00
CA THR A 42 3.37 2.45 -21.49
C THR A 42 2.27 2.71 -20.45
N PRO A 43 2.60 3.31 -19.30
CA PRO A 43 1.54 3.63 -18.32
C PRO A 43 0.56 4.62 -18.91
N VAL A 44 -0.68 4.57 -18.41
CA VAL A 44 -1.75 5.42 -18.94
C VAL A 44 -2.42 6.17 -17.79
N ARG A 45 -3.14 7.23 -18.16
CA ARG A 45 -3.88 8.03 -17.18
C ARG A 45 -5.09 7.27 -16.67
N SER A 46 -5.55 7.67 -15.48
CA SER A 46 -6.84 7.32 -14.89
C SER A 46 -7.00 5.80 -14.75
N THR A 47 -6.17 5.24 -13.86
CA THR A 47 -6.16 3.80 -13.61
C THR A 47 -5.98 3.56 -12.11
N VAL A 48 -6.55 2.46 -11.63
CA VAL A 48 -6.40 2.06 -10.25
C VAL A 48 -6.44 0.54 -10.20
N GLY A 49 -5.57 -0.04 -9.39
CA GLY A 49 -5.59 -1.48 -9.20
C GLY A 49 -5.11 -1.83 -7.81
N ARG A 50 -5.63 -2.93 -7.29
CA ARG A 50 -5.25 -3.39 -5.96
C ARG A 50 -5.18 -4.91 -6.00
N ILE A 51 -4.36 -5.47 -5.11
CA ILE A 51 -4.39 -6.90 -4.88
C ILE A 51 -4.53 -7.13 -3.39
N LEU A 52 -5.22 -8.21 -3.04
CA LEU A 52 -5.38 -8.65 -1.67
C LEU A 52 -4.98 -10.12 -1.59
N TYR A 53 -4.27 -10.50 -0.54
CA TYR A 53 -4.14 -11.92 -0.25
C TYR A 53 -5.52 -12.43 0.16
N SER A 54 -5.85 -13.65 -0.27
CA SER A 54 -7.22 -14.11 -0.10
C SER A 54 -7.53 -14.51 1.34
N ALA A 55 -6.57 -15.11 2.05
CA ALA A 55 -6.83 -15.53 3.41
C ALA A 55 -7.04 -14.33 4.33
N GLN A 56 -8.01 -14.44 5.23
CA GLN A 56 -8.38 -13.33 6.10
C GLN A 56 -7.60 -13.41 7.41
N VAL A 57 -6.96 -12.31 7.76
CA VAL A 57 -6.08 -12.23 8.93
C VAL A 57 -6.90 -11.86 10.15
N ARG A 58 -6.68 -12.55 11.26
CA ARG A 58 -7.28 -12.14 12.53
C ARG A 58 -6.35 -11.11 13.16
N LEU A 59 -6.70 -9.84 12.98
CA LEU A 59 -5.86 -8.75 13.47
C LEU A 59 -6.03 -8.58 14.98
N TRP A 60 -7.22 -8.79 15.51
CA TRP A 60 -7.41 -8.76 16.95
C TRP A 60 -8.69 -9.51 17.29
N GLU A 61 -8.81 -9.88 18.57
CA GLU A 61 -9.98 -10.64 19.04
C GLU A 61 -10.56 -9.92 20.25
N LYS A 62 -11.77 -9.39 20.09
CA LYS A 62 -12.36 -8.55 21.11
C LYS A 62 -12.66 -9.33 22.38
N SER A 63 -13.15 -10.58 22.25
CA SER A 63 -13.60 -11.26 23.46
C SER A 63 -12.44 -11.79 24.30
N THR A 64 -11.21 -11.82 23.77
CA THR A 64 -10.07 -12.28 24.54
C THR A 64 -9.00 -11.20 24.73
N ASN A 65 -9.21 -10.00 24.20
CA ASN A 65 -8.21 -8.92 24.19
C ASN A 65 -6.88 -9.37 23.59
N ARG A 66 -6.92 -10.25 22.60
CA ARG A 66 -5.71 -10.57 21.86
C ARG A 66 -5.53 -9.63 20.69
N VAL A 67 -4.27 -9.28 20.40
CA VAL A 67 -3.92 -8.42 19.28
C VAL A 67 -2.77 -9.07 18.53
N ALA A 68 -2.82 -8.99 17.20
CA ALA A 68 -1.81 -9.64 16.38
C ALA A 68 -0.60 -8.73 16.16
N ASN A 69 0.56 -9.34 16.04
CA ASN A 69 1.66 -8.65 15.38
C ASN A 69 1.55 -8.90 13.89
N PHE A 70 2.34 -8.16 13.10
CA PHE A 70 2.53 -8.60 11.73
C PHE A 70 3.82 -8.00 11.19
N GLN A 71 4.28 -8.57 10.09
CA GLN A 71 5.48 -8.16 9.43
C GLN A 71 5.27 -8.37 7.95
N SER A 72 5.50 -7.33 7.15
CA SER A 72 5.30 -7.40 5.71
C SER A 72 6.56 -6.88 5.02
N GLN A 73 7.20 -7.73 4.22
CA GLN A 73 8.41 -7.38 3.49
C GLN A 73 8.09 -7.43 2.00
N PHE A 74 8.49 -6.39 1.26
CA PHE A 74 8.18 -6.38 -0.17
C PHE A 74 9.17 -5.50 -0.91
N SER A 75 9.16 -5.61 -2.24
CA SER A 75 10.00 -4.79 -3.09
C SER A 75 9.22 -4.36 -4.32
N PHE A 76 9.45 -3.13 -4.76
CA PHE A 76 8.72 -2.61 -5.91
C PHE A 76 9.61 -1.63 -6.68
N PHE A 77 9.20 -1.33 -7.91
CA PHE A 77 9.83 -0.27 -8.68
C PHE A 77 8.77 0.40 -9.53
N LEU A 78 9.01 1.65 -9.90
CA LEU A 78 8.10 2.49 -10.67
C LEU A 78 8.79 2.99 -11.92
N GLU A 79 8.06 3.08 -13.03
CA GLU A 79 8.62 3.59 -14.27
C GLU A 79 7.62 4.54 -14.94
N SER A 80 8.16 5.59 -15.57
CA SER A 80 7.32 6.50 -16.35
C SER A 80 8.17 7.19 -17.40
N PRO A 81 7.64 7.41 -18.61
CA PRO A 81 8.41 8.16 -19.62
C PRO A 81 8.39 9.66 -19.41
N LEU A 82 7.64 10.18 -18.45
CA LEU A 82 7.50 11.61 -18.32
C LEU A 82 7.91 12.08 -16.92
N SER A 83 8.02 13.39 -16.78
CA SER A 83 8.29 14.03 -15.51
C SER A 83 7.08 13.96 -14.58
N ASN A 84 7.33 14.20 -13.31
CA ASN A 84 6.30 14.27 -12.28
C ASN A 84 5.36 13.06 -12.33
N PRO A 85 5.89 11.84 -12.22
CA PRO A 85 5.04 10.64 -12.31
C PRO A 85 4.15 10.48 -11.09
N ALA A 86 3.03 9.78 -11.30
CA ALA A 86 1.95 9.73 -10.31
C ALA A 86 1.18 8.41 -10.42
N ASP A 87 0.53 7.96 -9.36
CA ASP A 87 0.40 8.70 -8.10
C ASP A 87 1.13 8.04 -6.93
N GLY A 88 1.37 6.74 -7.03
CA GLY A 88 2.03 6.07 -5.94
C GLY A 88 1.47 4.70 -5.64
N ILE A 89 2.17 3.97 -4.77
CA ILE A 89 1.81 2.60 -4.40
C ILE A 89 1.78 2.54 -2.88
N ALA A 90 0.88 1.71 -2.35
CA ALA A 90 0.73 1.60 -0.90
C ALA A 90 0.52 0.15 -0.52
N PHE A 91 1.16 -0.25 0.58
CA PHE A 91 0.75 -1.44 1.30
C PHE A 91 -0.42 -1.06 2.20
N PHE A 92 -1.47 -1.88 2.23
CA PHE A 92 -2.61 -1.49 3.05
C PHE A 92 -3.29 -2.69 3.68
N ILE A 93 -4.06 -2.37 4.72
CA ILE A 93 -4.85 -3.31 5.49
C ILE A 93 -6.26 -2.72 5.61
N ALA A 94 -7.26 -3.53 5.32
CA ALA A 94 -8.64 -3.06 5.24
C ALA A 94 -9.54 -4.23 5.58
N PRO A 95 -10.84 -3.98 5.79
CA PRO A 95 -11.76 -5.12 6.05
C PRO A 95 -11.78 -6.06 4.86
N PRO A 96 -12.13 -7.34 5.06
CA PRO A 96 -12.04 -8.30 3.95
C PRO A 96 -13.00 -8.01 2.80
N ASP A 97 -14.04 -7.22 3.01
CA ASP A 97 -14.98 -6.86 1.95
C ASP A 97 -14.53 -5.66 1.13
N THR A 98 -13.30 -5.18 1.33
CA THR A 98 -12.91 -3.90 0.77
C THR A 98 -12.94 -3.93 -0.76
N ALA A 99 -13.34 -2.81 -1.34
CA ALA A 99 -13.37 -2.64 -2.79
C ALA A 99 -12.86 -1.25 -3.12
N ILE A 100 -12.44 -1.06 -4.37
CA ILE A 100 -11.95 0.23 -4.83
C ILE A 100 -13.07 1.25 -4.71
N PRO A 101 -12.88 2.34 -3.96
CA PRO A 101 -13.91 3.37 -3.87
C PRO A 101 -13.94 4.26 -5.10
N SER A 102 -15.12 4.75 -5.43
CA SER A 102 -15.26 5.66 -6.56
C SER A 102 -14.48 6.93 -6.31
N GLY A 103 -13.86 7.47 -7.38
CA GLY A 103 -13.08 8.68 -7.26
C GLY A 103 -11.66 8.50 -6.75
N SER A 104 -11.18 7.27 -6.61
CA SER A 104 -9.88 7.01 -6.00
C SER A 104 -8.75 6.81 -7.01
N ALA A 105 -9.02 6.98 -8.32
CA ALA A 105 -8.00 6.75 -9.35
C ALA A 105 -7.18 8.02 -9.51
N GLY A 106 -6.23 8.21 -8.60
CA GLY A 106 -5.47 9.43 -8.54
C GLY A 106 -4.75 9.56 -7.21
N GLY A 107 -4.75 10.76 -6.63
CA GLY A 107 -4.03 10.99 -5.38
C GLY A 107 -4.61 10.30 -4.17
N LEU A 108 -5.81 9.71 -4.30
CA LEU A 108 -6.35 8.93 -3.20
C LEU A 108 -5.86 7.49 -3.24
N LEU A 109 -5.02 7.14 -4.24
CA LEU A 109 -4.21 5.91 -4.24
C LEU A 109 -5.07 4.66 -4.23
N GLY A 110 -6.29 4.75 -4.74
CA GLY A 110 -7.19 3.62 -4.70
C GLY A 110 -7.72 3.28 -3.33
N LEU A 111 -7.50 4.12 -2.32
CA LEU A 111 -7.78 3.76 -0.94
C LEU A 111 -8.92 4.56 -0.30
N PHE A 112 -9.27 5.72 -0.83
CA PHE A 112 -10.22 6.63 -0.21
C PHE A 112 -11.17 7.19 -1.26
N SER A 113 -12.30 7.71 -0.78
CA SER A 113 -13.29 8.45 -1.56
C SER A 113 -13.14 9.95 -1.29
N PRO A 114 -13.32 10.79 -2.31
CA PRO A 114 -12.98 12.22 -2.16
C PRO A 114 -13.63 12.93 -0.98
N LYS A 115 -14.91 12.70 -0.69
CA LYS A 115 -15.58 13.52 0.32
C LYS A 115 -15.17 13.13 1.74
N THR A 116 -14.56 11.97 1.93
CA THR A 116 -14.23 11.49 3.26
C THR A 116 -12.76 11.11 3.40
N ALA A 117 -11.93 11.44 2.42
CA ALA A 117 -10.55 10.96 2.40
C ALA A 117 -9.76 11.39 3.63
N GLN A 118 -10.12 12.52 4.26
CA GLN A 118 -9.40 12.98 5.44
C GLN A 118 -10.24 12.83 6.71
N ASN A 119 -11.31 12.05 6.64
CA ASN A 119 -12.22 11.89 7.77
C ASN A 119 -11.89 10.58 8.47
N GLU A 120 -11.10 10.67 9.55
CA GLU A 120 -10.64 9.47 10.25
C GLU A 120 -11.80 8.65 10.78
N SER A 121 -12.93 9.30 11.12
CA SER A 121 -14.07 8.57 11.65
C SER A 121 -14.77 7.72 10.62
N ALA A 122 -14.56 8.00 9.34
CA ALA A 122 -15.30 7.31 8.29
C ALA A 122 -14.56 6.09 7.74
N ASN A 123 -13.22 6.14 7.71
CA ASN A 123 -12.46 5.15 6.96
C ASN A 123 -12.08 3.95 7.82
N GLN A 124 -11.68 2.86 7.11
CA GLN A 124 -11.17 1.62 7.72
C GLN A 124 -9.97 1.19 6.88
N VAL A 125 -8.90 1.99 6.94
CA VAL A 125 -7.70 1.76 6.13
C VAL A 125 -6.49 2.08 6.99
N LEU A 126 -5.55 1.15 7.06
CA LEU A 126 -4.21 1.41 7.57
C LEU A 126 -3.23 1.16 6.43
N ALA A 127 -2.39 2.14 6.09
CA ALA A 127 -1.58 2.02 4.89
C ALA A 127 -0.21 2.64 5.07
N VAL A 128 0.75 2.10 4.32
CA VAL A 128 2.07 2.69 4.18
C VAL A 128 2.20 3.10 2.72
N GLU A 129 2.24 4.40 2.47
CA GLU A 129 2.21 4.92 1.11
C GLU A 129 3.60 5.36 0.64
N PHE A 130 3.81 5.19 -0.66
CA PHE A 130 5.02 5.61 -1.36
C PHE A 130 4.49 6.56 -2.43
N ASP A 131 4.45 7.85 -2.07
CA ASP A 131 3.61 8.84 -2.71
C ASP A 131 4.49 9.73 -3.56
N THR A 132 4.36 9.61 -4.88
CA THR A 132 5.27 10.30 -5.78
C THR A 132 4.75 11.65 -6.26
N PHE A 133 3.48 11.97 -6.03
CA PHE A 133 2.84 13.15 -6.61
C PHE A 133 2.20 13.97 -5.50
N TYR A 134 2.47 15.29 -5.50
CA TYR A 134 2.23 16.13 -4.34
C TYR A 134 1.65 17.50 -4.73
N ALA A 135 1.28 17.71 -6.00
CA ALA A 135 0.85 19.03 -6.46
C ALA A 135 -0.29 19.59 -5.60
N GLN A 136 -0.13 20.83 -5.15
CA GLN A 136 -1.15 21.46 -4.32
C GLN A 136 -2.47 21.63 -5.06
N ASN A 137 -2.47 21.61 -6.39
CA ASN A 137 -3.74 21.83 -7.08
C ASN A 137 -4.71 20.67 -6.91
N SER A 138 -4.27 19.53 -6.38
CA SER A 138 -5.18 18.40 -6.19
C SER A 138 -4.85 17.54 -4.97
N ASN A 139 -3.59 17.52 -4.55
CA ASN A 139 -3.16 16.76 -3.37
C ASN A 139 -2.85 17.74 -2.24
N THR A 140 -3.91 18.41 -1.75
CA THR A 140 -3.73 19.46 -0.76
C THR A 140 -3.21 18.95 0.57
N TRP A 141 -3.37 17.65 0.85
CA TRP A 141 -2.97 17.04 2.11
C TRP A 141 -1.49 16.68 2.16
N ASP A 142 -0.76 16.75 1.00
CA ASP A 142 0.62 16.27 0.90
C ASP A 142 1.61 17.37 1.25
N PRO A 143 2.78 17.00 1.79
CA PRO A 143 3.91 17.93 1.75
C PRO A 143 4.33 18.16 0.31
N ASN A 144 5.15 19.18 0.09
CA ASN A 144 5.52 19.60 -1.27
C ASN A 144 6.71 18.82 -1.83
N TYR A 145 6.68 17.50 -1.70
CA TYR A 145 7.74 16.65 -2.21
C TYR A 145 7.27 15.20 -2.17
N PRO A 146 7.90 14.31 -2.95
CA PRO A 146 7.56 12.89 -2.84
C PRO A 146 7.97 12.38 -1.47
N HIS A 147 7.22 11.39 -0.97
CA HIS A 147 7.36 11.05 0.44
C HIS A 147 6.83 9.65 0.71
N ILE A 148 7.30 9.10 1.81
CA ILE A 148 6.81 7.84 2.37
C ILE A 148 6.00 8.22 3.60
N GLY A 149 4.82 7.64 3.75
CA GLY A 149 3.92 8.04 4.81
C GLY A 149 3.18 6.85 5.41
N ILE A 150 2.75 7.04 6.66
CA ILE A 150 1.87 6.08 7.31
C ILE A 150 0.49 6.74 7.42
N ASP A 151 -0.52 6.08 6.86
CA ASP A 151 -1.87 6.62 6.74
C ASP A 151 -2.80 5.87 7.68
N VAL A 152 -3.39 6.58 8.64
CA VAL A 152 -4.29 5.96 9.61
C VAL A 152 -5.68 6.50 9.37
N ASN A 153 -6.46 5.81 8.54
CA ASN A 153 -7.84 6.19 8.22
C ASN A 153 -7.93 7.59 7.59
N SER A 154 -6.85 8.02 6.94
CA SER A 154 -6.84 9.30 6.23
C SER A 154 -5.74 9.27 5.18
N ILE A 155 -6.00 9.96 4.06
CA ILE A 155 -4.97 10.14 3.03
C ILE A 155 -3.92 11.16 3.47
N LYS A 156 -4.23 11.99 4.47
CA LYS A 156 -3.20 12.83 5.09
C LYS A 156 -2.42 11.98 6.08
N SER A 157 -1.18 11.64 5.71
CA SER A 157 -0.38 10.75 6.53
C SER A 157 -0.21 11.31 7.95
N ALA A 158 -0.27 10.40 8.93
CA ALA A 158 0.05 10.77 10.30
C ALA A 158 1.51 11.21 10.42
N LYS A 159 2.38 10.64 9.60
CA LYS A 159 3.78 11.03 9.63
C LYS A 159 4.37 10.70 8.26
N THR A 160 5.26 11.55 7.76
CA THR A 160 5.91 11.34 6.48
C THR A 160 7.43 11.49 6.64
N VAL A 161 8.14 10.98 5.65
CA VAL A 161 9.56 11.26 5.49
C VAL A 161 9.83 11.58 4.02
N ARG A 162 10.75 12.52 3.77
CA ARG A 162 11.11 12.90 2.41
C ARG A 162 11.73 11.72 1.65
N TRP A 163 11.31 11.55 0.39
CA TRP A 163 11.76 10.41 -0.42
C TRP A 163 11.82 10.85 -1.86
N GLU A 164 12.99 10.75 -2.50
CA GLU A 164 13.09 11.07 -3.91
C GLU A 164 12.96 9.75 -4.69
N ARG A 165 11.80 9.55 -5.31
CA ARG A 165 11.57 8.41 -6.19
C ARG A 165 12.67 8.30 -7.24
N ARG A 166 13.21 7.10 -7.41
CA ARG A 166 14.23 6.81 -8.42
C ARG A 166 13.60 5.98 -9.53
N GLU A 167 13.69 6.49 -10.75
CA GLU A 167 13.10 5.82 -11.91
C GLU A 167 13.67 4.41 -12.07
N GLY A 168 12.78 3.41 -12.07
CA GLY A 168 13.16 2.05 -12.38
C GLY A 168 13.92 1.30 -11.31
N VAL A 169 14.21 1.91 -10.17
CA VAL A 169 15.05 1.31 -9.12
C VAL A 169 14.17 0.59 -8.11
N THR A 170 14.61 -0.59 -7.66
CA THR A 170 13.86 -1.35 -6.66
C THR A 170 14.05 -0.75 -5.26
N LEU A 171 12.93 -0.49 -4.58
CA LEU A 171 12.93 -0.14 -3.17
C LEU A 171 12.48 -1.35 -2.37
N ASN A 172 13.27 -1.72 -1.36
CA ASN A 172 12.94 -2.82 -0.46
C ASN A 172 12.35 -2.26 0.83
N VAL A 173 11.27 -2.87 1.30
CA VAL A 173 10.49 -2.31 2.40
C VAL A 173 10.20 -3.39 3.43
N LEU A 174 10.34 -3.03 4.70
CA LEU A 174 9.90 -3.87 5.81
C LEU A 174 8.92 -3.05 6.66
N VAL A 175 7.70 -3.56 6.83
CA VAL A 175 6.68 -2.96 7.67
C VAL A 175 6.39 -3.92 8.81
N THR A 176 6.43 -3.43 10.06
CA THR A 176 6.21 -4.27 11.23
C THR A 176 5.27 -3.60 12.22
N TYR A 177 4.36 -4.38 12.79
CA TYR A 177 3.50 -3.91 13.88
C TYR A 177 3.80 -4.72 15.14
N ASN A 178 4.09 -4.00 16.22
CA ASN A 178 4.36 -4.58 17.53
C ASN A 178 3.20 -4.21 18.46
N PRO A 179 2.32 -5.15 18.81
CA PRO A 179 1.16 -4.79 19.62
C PRO A 179 1.50 -4.43 21.07
N SER A 180 2.64 -4.90 21.60
CA SER A 180 2.96 -4.55 22.98
C SER A 180 3.37 -3.09 23.10
N THR A 181 3.96 -2.52 22.05
CA THR A 181 4.29 -1.09 22.02
C THR A 181 3.33 -0.30 21.15
N LYS A 182 2.39 -0.98 20.49
CA LYS A 182 1.43 -0.35 19.59
C LYS A 182 2.12 0.52 18.54
N THR A 183 3.27 0.04 18.06
CA THR A 183 4.09 0.77 17.11
C THR A 183 4.07 0.11 15.74
N LEU A 184 3.72 0.90 14.73
CA LEU A 184 3.87 0.50 13.33
C LEU A 184 5.13 1.14 12.79
N ASP A 185 6.10 0.32 12.37
CA ASP A 185 7.40 0.76 11.91
C ASP A 185 7.52 0.49 10.42
N VAL A 186 8.13 1.41 9.67
CA VAL A 186 8.46 1.20 8.27
C VAL A 186 9.94 1.48 8.09
N VAL A 187 10.65 0.58 7.42
CA VAL A 187 12.03 0.81 7.00
C VAL A 187 12.13 0.45 5.53
N ALA A 188 12.57 1.40 4.71
CA ALA A 188 12.73 1.19 3.27
C ALA A 188 14.17 1.51 2.90
N THR A 189 14.73 0.73 1.96
CA THR A 189 16.10 0.97 1.54
C THR A 189 16.23 0.86 0.04
N TYR A 190 17.00 1.75 -0.54
CA TYR A 190 17.46 1.70 -1.91
C TYR A 190 18.79 0.93 -1.97
N PRO A 191 19.22 0.49 -3.15
CA PRO A 191 20.38 -0.43 -3.22
C PRO A 191 21.69 0.17 -2.73
N ASP A 192 21.80 1.49 -2.64
CA ASP A 192 23.01 2.13 -2.14
C ASP A 192 23.03 2.27 -0.63
N GLY A 193 22.07 1.67 0.07
CA GLY A 193 21.99 1.83 1.51
C GLY A 193 21.22 3.05 1.99
N GLN A 194 20.76 3.92 1.10
CA GLN A 194 19.93 5.03 1.57
C GLN A 194 18.66 4.48 2.19
N ARG A 195 18.30 5.02 3.35
CA ARG A 195 17.33 4.39 4.23
C ARG A 195 16.26 5.40 4.63
N TYR A 196 15.01 4.92 4.71
CA TYR A 196 13.87 5.76 5.04
C TYR A 196 13.14 5.08 6.18
N GLN A 197 12.91 5.81 7.27
CA GLN A 197 12.28 5.24 8.45
C GLN A 197 11.12 6.11 8.88
N ILE A 198 9.99 5.47 9.14
CA ILE A 198 8.81 6.17 9.61
C ILE A 198 8.08 5.26 10.58
N SER A 199 7.64 5.82 11.70
CA SER A 199 6.94 5.00 12.68
C SER A 199 5.91 5.82 13.43
N VAL A 200 4.81 5.15 13.78
CA VAL A 200 3.66 5.78 14.40
C VAL A 200 3.15 4.86 15.51
N VAL A 201 2.75 5.45 16.62
CA VAL A 201 2.02 4.71 17.64
C VAL A 201 0.55 4.67 17.23
N VAL A 202 0.01 3.46 17.11
CA VAL A 202 -1.37 3.29 16.66
C VAL A 202 -1.91 2.01 17.25
N ASP A 203 -3.10 2.11 17.87
CA ASP A 203 -3.81 0.96 18.42
C ASP A 203 -4.68 0.39 17.33
N VAL A 204 -4.26 -0.74 16.74
CA VAL A 204 -5.01 -1.27 15.61
C VAL A 204 -6.43 -1.65 16.00
N THR A 205 -6.70 -1.89 17.29
CA THR A 205 -8.05 -2.29 17.67
C THR A 205 -9.04 -1.13 17.60
N THR A 206 -8.58 0.10 17.46
CA THR A 206 -9.47 1.23 17.32
C THR A 206 -9.56 1.76 15.90
N VAL A 207 -8.79 1.21 14.96
CA VAL A 207 -8.80 1.73 13.60
C VAL A 207 -9.29 0.72 12.56
N LEU A 208 -9.33 -0.56 12.88
CA LEU A 208 -9.67 -1.60 11.91
C LEU A 208 -10.54 -2.65 12.58
N PRO A 209 -11.33 -3.41 11.80
CA PRO A 209 -12.12 -4.49 12.39
C PRO A 209 -11.24 -5.65 12.81
N GLU A 210 -11.86 -6.62 13.47
CA GLU A 210 -11.14 -7.79 13.98
C GLU A 210 -10.53 -8.63 12.85
N TRP A 211 -11.26 -8.79 11.75
CA TRP A 211 -10.77 -9.51 10.57
C TRP A 211 -10.43 -8.51 9.48
N VAL A 212 -9.32 -8.75 8.78
CA VAL A 212 -8.84 -7.86 7.72
C VAL A 212 -8.26 -8.68 6.57
N ARG A 213 -8.07 -8.02 5.43
CA ARG A 213 -7.20 -8.53 4.39
C ARG A 213 -6.05 -7.55 4.19
N VAL A 214 -4.93 -8.07 3.69
CA VAL A 214 -3.73 -7.27 3.46
C VAL A 214 -3.40 -7.29 1.97
N GLY A 215 -2.77 -6.23 1.50
CA GLY A 215 -2.45 -6.14 0.08
C GLY A 215 -1.82 -4.82 -0.30
N PHE A 216 -1.96 -4.47 -1.59
CA PHE A 216 -1.33 -3.29 -2.17
C PHE A 216 -2.32 -2.58 -3.08
N SER A 217 -2.16 -1.27 -3.19
CA SER A 217 -3.00 -0.45 -4.03
C SER A 217 -2.12 0.56 -4.75
N ALA A 218 -2.51 0.93 -5.97
CA ALA A 218 -1.81 1.99 -6.68
C ALA A 218 -2.79 2.64 -7.64
N ALA A 219 -2.45 3.86 -8.07
CA ALA A 219 -3.34 4.57 -8.97
C ALA A 219 -2.55 5.62 -9.72
N SER A 220 -3.13 6.05 -10.85
CA SER A 220 -2.66 7.20 -11.60
C SER A 220 -3.87 8.02 -12.02
N GLY A 221 -3.76 9.34 -11.86
CA GLY A 221 -4.78 10.25 -12.35
C GLY A 221 -4.39 10.85 -13.68
N GLU A 222 -4.19 12.17 -13.73
CA GLU A 222 -3.75 12.81 -14.96
C GLU A 222 -2.27 12.58 -15.24
N GLN A 223 -1.45 12.36 -14.22
CA GLN A 223 -0.06 11.94 -14.38
C GLN A 223 0.04 10.45 -14.08
N PHE A 224 1.05 9.79 -14.64
CA PHE A 224 1.01 8.33 -14.60
C PHE A 224 2.40 7.73 -14.48
N GLN A 225 2.42 6.43 -14.17
CA GLN A 225 3.60 5.60 -14.03
C GLN A 225 3.13 4.16 -13.81
N THR A 226 3.98 3.20 -14.13
CA THR A 226 3.71 1.83 -13.76
C THR A 226 4.07 1.61 -12.29
N HIS A 227 3.34 0.72 -11.63
CA HIS A 227 3.56 0.39 -10.23
C HIS A 227 3.74 -1.11 -10.14
N ASN A 228 4.99 -1.55 -9.88
CA ASN A 228 5.43 -2.91 -10.15
C ASN A 228 5.93 -3.55 -8.87
N LEU A 229 5.19 -4.55 -8.37
CA LEU A 229 5.60 -5.28 -7.18
C LEU A 229 6.36 -6.53 -7.60
N GLU A 230 7.56 -6.72 -7.03
CA GLU A 230 8.41 -7.84 -7.43
C GLU A 230 8.32 -9.03 -6.49
N SER A 231 8.08 -8.80 -5.19
CA SER A 231 8.12 -9.87 -4.20
C SER A 231 7.41 -9.38 -2.96
N TRP A 232 7.02 -10.33 -2.10
CA TRP A 232 6.21 -10.04 -0.93
C TRP A 232 6.17 -11.24 0.00
N SER A 233 6.46 -11.03 1.27
CA SER A 233 6.25 -12.04 2.29
C SER A 233 5.57 -11.38 3.48
N PHE A 234 4.74 -12.16 4.17
CA PHE A 234 3.89 -11.62 5.22
C PHE A 234 3.76 -12.66 6.32
N THR A 235 3.76 -12.21 7.57
CA THR A 235 3.41 -13.09 8.68
C THR A 235 2.63 -12.30 9.70
N SER A 236 1.67 -12.97 10.36
CA SER A 236 0.90 -12.37 11.43
C SER A 236 0.61 -13.45 12.47
N THR A 237 0.79 -13.10 13.74
CA THR A 237 0.50 -14.01 14.84
C THR A 237 -0.35 -13.29 15.87
N LEU A 238 -1.48 -13.89 16.23
CA LEU A 238 -2.38 -13.34 17.24
C LEU A 238 -1.81 -13.64 18.62
N LEU A 239 -1.47 -12.59 19.37
CA LEU A 239 -0.84 -12.74 20.68
C LEU A 239 -1.86 -12.50 21.81
C1 MMA B . -2.98 18.17 -12.61
C2 MMA B . -3.38 17.06 -11.65
C3 MMA B . -4.90 16.88 -11.63
C4 MMA B . -5.61 18.22 -11.46
C5 MMA B . -5.06 19.26 -12.44
C6 MMA B . -5.73 20.61 -12.21
C7 MMA B . -2.17 17.69 -14.77
O1 MMA B . -3.33 17.79 -13.94
O2 MMA B . -2.93 17.39 -10.32
O3 MMA B . -5.27 16.00 -10.58
O4 MMA B . -7.02 18.04 -11.68
O5 MMA B . -3.65 19.38 -12.26
O6 MMA B . -5.04 21.61 -12.97
C1 MAN B . -5.56 14.69 -11.05
C2 MAN B . -6.29 13.91 -9.96
C3 MAN B . -5.39 13.71 -8.74
C4 MAN B . -4.03 13.19 -9.14
C5 MAN B . -3.43 14.01 -10.28
C6 MAN B . -2.10 13.44 -10.73
O2 MAN B . -6.68 12.63 -10.48
O3 MAN B . -6.03 12.79 -7.84
O4 MAN B . -3.15 13.22 -8.01
O5 MAN B . -4.34 14.02 -11.37
O6 MAN B . -2.30 12.12 -11.27
C1 NAG C . -16.61 12.44 9.17
C2 NAG C . -17.62 13.58 9.11
C3 NAG C . -18.70 13.41 10.18
C4 NAG C . -19.27 11.99 10.16
C5 NAG C . -18.16 10.95 10.16
C6 NAG C . -18.73 9.54 10.07
C7 NAG C . -17.16 15.85 8.43
C8 NAG C . -16.36 17.10 8.70
N2 NAG C . -16.95 14.85 9.28
O3 NAG C . -19.74 14.35 9.95
O4 NAG C . -20.10 11.80 11.32
O5 NAG C . -17.29 11.19 9.06
O6 NAG C . -19.72 9.50 9.03
O7 NAG C . -17.95 15.77 7.50
CA CA D . -0.05 12.30 -3.39
MN MN E . 0.91 11.55 0.60
#